data_2G3H
#
_entry.id   2G3H
#
_cell.length_a   43.314
_cell.length_b   33.712
_cell.length_c   56.059
_cell.angle_alpha   90.00
_cell.angle_beta   94.43
_cell.angle_gamma   90.00
#
_symmetry.space_group_name_H-M   'P 1 21 1'
#
loop_
_entity.id
_entity.type
_entity.pdbx_description
1 polymer globin
2 non-polymer 'CHLORIDE ION'
3 non-polymer 'MAGNESIUM ION'
4 non-polymer 'CYANIDE ION'
5 non-polymer 'PROTOPORPHYRIN IX CONTAINING FE'
6 water water
#
_entity_poly.entity_id   1
_entity_poly.type   'polypeptide(L)'
_entity_poly.pdbx_seq_one_letter_code
;MNSDEVQLIKKTWEIPVATPTDSGAAILTQFFNRFPSNLEKFPFRDVPLEELSGNARFRAHAGRIIRVFDESIQVLGQDG
DLEKLDEIWTKIAVSHIPRTVSKESYNQLKGVILDVLTAASSLDESQAATWAKLVDHVYGIIFKAIDDDGNAK
;
_entity_poly.pdbx_strand_id   A
#
loop_
_chem_comp.id
_chem_comp.type
_chem_comp.name
_chem_comp.formula
CL non-polymer 'CHLORIDE ION' 'Cl -1'
CYN non-polymer 'CYANIDE ION' 'C N -1'
HEM non-polymer 'PROTOPORPHYRIN IX CONTAINING FE' 'C34 H32 Fe N4 O4'
MG non-polymer 'MAGNESIUM ION' 'Mg 2'
#
# COMPACT_ATOMS: atom_id res chain seq x y z
N MET A 1 -0.86 14.85 -10.52
CA MET A 1 -2.31 15.11 -10.39
C MET A 1 -2.54 16.54 -9.99
N ASN A 2 -3.77 17.00 -10.20
CA ASN A 2 -4.11 18.38 -9.95
C ASN A 2 -4.63 18.60 -8.51
N SER A 3 -4.87 19.85 -8.16
N SER A 3 -4.88 19.84 -8.15
CA SER A 3 -5.28 20.21 -6.81
CA SER A 3 -5.25 20.15 -6.75
C SER A 3 -6.57 19.50 -6.38
C SER A 3 -6.62 19.58 -6.33
N ASP A 4 -7.54 19.43 -7.28
CA ASP A 4 -8.80 18.77 -6.99
C ASP A 4 -8.62 17.29 -6.68
N GLU A 5 -7.75 16.66 -7.46
CA GLU A 5 -7.44 15.25 -7.26
C GLU A 5 -6.77 15.05 -5.90
N VAL A 6 -5.83 15.94 -5.55
CA VAL A 6 -5.16 15.89 -4.25
C VAL A 6 -6.17 16.02 -3.09
N GLN A 7 -7.11 16.96 -3.25
N GLN A 7 -7.08 16.98 -3.16
CA GLN A 7 -8.22 17.16 -2.32
CA GLN A 7 -8.00 17.13 -2.06
C GLN A 7 -9.01 15.86 -2.12
C GLN A 7 -8.97 15.95 -1.97
N LEU A 8 -9.41 15.22 -3.20
N LEU A 8 -9.21 15.28 -3.09
CA LEU A 8 -10.25 14.03 -3.14
CA LEU A 8 -10.03 14.08 -3.13
C LEU A 8 -9.55 12.89 -2.41
C LEU A 8 -9.33 12.95 -2.36
N ILE A 9 -8.25 12.77 -2.65
N ILE A 9 -8.09 12.67 -2.76
CA ILE A 9 -7.45 11.73 -2.02
CA ILE A 9 -7.27 11.71 -2.04
C ILE A 9 -7.29 11.98 -0.54
C ILE A 9 -7.37 12.00 -0.55
N LYS A 10 -7.04 13.23 -0.17
CA LYS A 10 -6.95 13.54 1.26
C LYS A 10 -8.28 13.29 1.97
N LYS A 11 -9.35 13.75 1.35
CA LYS A 11 -10.64 13.65 2.00
C LYS A 11 -11.06 12.17 2.18
N THR A 12 -10.95 11.39 1.10
CA THR A 12 -11.38 10.01 1.16
C THR A 12 -10.47 9.14 2.04
N TRP A 13 -9.19 9.52 2.14
CA TRP A 13 -8.27 8.80 3.05
C TRP A 13 -8.64 8.91 4.52
N GLU A 14 -9.36 9.96 4.89
CA GLU A 14 -9.80 10.14 6.26
C GLU A 14 -10.49 8.91 6.81
N ILE A 15 -11.22 8.19 5.96
CA ILE A 15 -12.00 7.04 6.44
C ILE A 15 -11.05 5.86 6.81
N PRO A 16 -10.30 5.29 5.87
CA PRO A 16 -9.48 4.16 6.27
C PRO A 16 -8.42 4.57 7.34
N VAL A 17 -7.88 5.80 7.30
CA VAL A 17 -6.84 6.13 8.28
C VAL A 17 -7.38 6.27 9.69
N ALA A 18 -8.70 6.42 9.82
CA ALA A 18 -9.30 6.50 11.15
C ALA A 18 -9.05 5.24 11.95
N THR A 19 -8.85 4.13 11.25
CA THR A 19 -8.59 2.82 11.92
C THR A 19 -7.40 2.13 11.26
N PRO A 20 -6.17 2.61 11.53
CA PRO A 20 -4.99 2.09 10.80
C PRO A 20 -4.77 0.59 10.91
N THR A 21 -4.86 0.02 12.11
CA THR A 21 -4.69 -1.42 12.25
C THR A 21 -5.73 -2.18 11.41
N ASP A 22 -7.00 -1.84 11.56
CA ASP A 22 -8.02 -2.55 10.80
C ASP A 22 -7.82 -2.39 9.28
N SER A 23 -7.46 -1.21 8.84
CA SER A 23 -7.34 -0.97 7.40
C SER A 23 -6.15 -1.74 6.83
N GLY A 24 -5.03 -1.66 7.53
CA GLY A 24 -3.88 -2.43 7.15
C GLY A 24 -4.15 -3.93 7.21
N ALA A 25 -4.90 -4.38 8.23
CA ALA A 25 -5.27 -5.81 8.34
C ALA A 25 -6.08 -6.29 7.15
N ALA A 26 -6.99 -5.46 6.66
CA ALA A 26 -7.78 -5.83 5.49
C ALA A 26 -6.93 -6.05 4.25
N ILE A 27 -6.02 -5.13 4.05
CA ILE A 27 -5.06 -5.24 2.96
C ILE A 27 -4.27 -6.55 3.08
N LEU A 28 -3.66 -6.77 4.22
CA LEU A 28 -2.80 -7.94 4.37
C LEU A 28 -3.56 -9.24 4.30
N THR A 29 -4.73 -9.31 4.98
CA THR A 29 -5.51 -10.52 4.91
C THR A 29 -5.90 -10.89 3.49
N GLN A 30 -6.34 -9.90 2.73
CA GLN A 30 -6.76 -10.17 1.35
C GLN A 30 -5.56 -10.53 0.47
N PHE A 31 -4.45 -9.83 0.64
CA PHE A 31 -3.21 -10.14 -0.05
C PHE A 31 -2.80 -11.59 0.19
N PHE A 32 -2.75 -12.01 1.45
CA PHE A 32 -2.23 -13.34 1.72
C PHE A 32 -3.23 -14.43 1.30
N ASN A 33 -4.51 -14.14 1.46
CA ASN A 33 -5.52 -15.15 1.09
C ASN A 33 -5.63 -15.35 -0.42
N ARG A 34 -5.38 -14.30 -1.19
N ARG A 34 -5.42 -14.29 -1.19
CA ARG A 34 -5.45 -14.37 -2.64
CA ARG A 34 -5.44 -14.36 -2.66
C ARG A 34 -4.12 -14.77 -3.27
C ARG A 34 -4.12 -14.85 -3.23
N PHE A 35 -3.02 -14.42 -2.63
CA PHE A 35 -1.67 -14.61 -3.17
C PHE A 35 -0.73 -15.04 -2.02
N PRO A 36 -0.95 -16.24 -1.46
CA PRO A 36 -0.16 -16.69 -0.32
C PRO A 36 1.33 -16.92 -0.55
N SER A 37 1.79 -17.03 -1.79
N SER A 37 1.81 -17.01 -1.79
CA SER A 37 3.22 -17.05 -2.01
CA SER A 37 3.24 -17.07 -1.97
C SER A 37 3.90 -15.92 -1.24
C SER A 37 3.95 -15.88 -1.33
N ASN A 38 3.27 -14.75 -1.22
CA ASN A 38 3.84 -13.58 -0.57
C ASN A 38 3.99 -13.73 0.93
N LEU A 39 3.15 -14.55 1.54
CA LEU A 39 3.26 -14.75 2.98
C LEU A 39 4.59 -15.37 3.36
N GLU A 40 5.19 -16.14 2.44
CA GLU A 40 6.49 -16.72 2.72
C GLU A 40 7.63 -15.73 2.90
N LYS A 41 7.45 -14.49 2.46
CA LYS A 41 8.49 -13.46 2.66
C LYS A 41 8.48 -12.95 4.10
N PHE A 42 7.40 -13.18 4.84
CA PHE A 42 7.23 -12.55 6.14
C PHE A 42 7.59 -13.50 7.28
N PRO A 43 8.07 -12.95 8.41
CA PRO A 43 8.53 -13.81 9.49
C PRO A 43 7.43 -14.62 10.17
N PHE A 44 6.18 -14.17 9.99
CA PHE A 44 4.98 -14.87 10.48
C PHE A 44 4.43 -15.87 9.46
N ARG A 45 5.28 -16.28 8.52
CA ARG A 45 4.91 -17.22 7.48
C ARG A 45 4.30 -18.50 7.97
N ASP A 46 4.68 -18.99 9.16
CA ASP A 46 4.17 -20.26 9.69
C ASP A 46 2.91 -20.16 10.52
N VAL A 47 2.44 -18.94 10.75
CA VAL A 47 1.23 -18.76 11.53
C VAL A 47 0.03 -19.13 10.65
N PRO A 48 -0.84 -20.04 11.13
CA PRO A 48 -1.98 -20.40 10.26
C PRO A 48 -2.83 -19.22 9.88
N LEU A 49 -3.46 -19.26 8.70
CA LEU A 49 -4.29 -18.13 8.27
C LEU A 49 -5.41 -17.83 9.23
N GLU A 50 -5.88 -18.85 9.96
CA GLU A 50 -6.98 -18.66 10.92
C GLU A 50 -6.55 -17.88 12.16
N GLU A 51 -5.24 -17.85 12.43
N GLU A 51 -5.24 -17.82 12.41
CA GLU A 51 -4.69 -17.22 13.62
CA GLU A 51 -4.69 -17.08 13.55
C GLU A 51 -3.95 -15.94 13.27
C GLU A 51 -4.05 -15.74 13.17
N LEU A 52 -3.87 -15.65 11.99
N LEU A 52 -3.73 -15.53 11.91
CA LEU A 52 -3.00 -14.58 11.59
CA LEU A 52 -3.00 -14.30 11.55
C LEU A 52 -3.50 -13.19 12.03
C LEU A 52 -3.61 -13.04 12.12
N SER A 53 -4.82 -12.95 12.00
N SER A 53 -4.91 -12.89 11.95
CA SER A 53 -5.36 -11.62 12.33
CA SER A 53 -5.50 -11.63 12.34
C SER A 53 -5.25 -11.24 13.81
C SER A 53 -5.11 -11.25 13.75
N GLY A 54 -5.00 -12.22 14.65
CA GLY A 54 -4.77 -11.96 16.05
C GLY A 54 -3.30 -11.92 16.43
N ASN A 55 -2.41 -12.17 15.46
CA ASN A 55 -0.99 -12.21 15.72
C ASN A 55 -0.41 -10.81 15.95
N ALA A 56 0.43 -10.66 16.99
CA ALA A 56 0.92 -9.32 17.34
C ALA A 56 1.78 -8.72 16.26
N ARG A 57 2.57 -9.54 15.59
CA ARG A 57 3.42 -9.04 14.51
C ARG A 57 2.55 -8.56 13.34
N PHE A 58 1.60 -9.40 12.92
CA PHE A 58 0.71 -9.04 11.83
C PHE A 58 -0.01 -7.71 12.17
N ARG A 59 -0.57 -7.60 13.38
CA ARG A 59 -1.31 -6.40 13.72
C ARG A 59 -0.41 -5.15 13.71
N ALA A 60 0.79 -5.27 14.26
CA ALA A 60 1.69 -4.11 14.27
C ALA A 60 2.14 -3.76 12.86
N HIS A 61 2.36 -4.80 12.05
CA HIS A 61 2.79 -4.56 10.68
C HIS A 61 1.69 -3.83 9.84
N ALA A 62 0.44 -4.20 10.11
CA ALA A 62 -0.69 -3.47 9.51
C ALA A 62 -0.59 -1.97 9.66
N GLY A 63 -0.21 -1.52 10.86
CA GLY A 63 -0.04 -0.10 11.11
C GLY A 63 1.12 0.51 10.37
N ARG A 64 2.16 -0.30 10.23
CA ARG A 64 3.32 0.18 9.56
C ARG A 64 3.08 0.51 8.08
N ILE A 65 2.33 -0.35 7.38
N ILE A 65 2.32 -0.34 7.38
CA ILE A 65 2.08 -0.10 5.99
CA ILE A 65 2.04 -0.06 5.99
C ILE A 65 1.11 1.07 5.79
C ILE A 65 1.16 1.16 5.85
N ILE A 66 0.15 1.25 6.70
CA ILE A 66 -0.74 2.39 6.62
C ILE A 66 0.04 3.67 6.88
N ARG A 67 1.01 3.65 7.82
CA ARG A 67 1.76 4.86 8.13
C ARG A 67 2.44 5.39 6.87
N VAL A 68 3.03 4.53 6.03
CA VAL A 68 3.67 4.99 4.78
C VAL A 68 2.72 5.72 3.89
N PHE A 69 1.53 5.15 3.74
CA PHE A 69 0.55 5.83 2.92
C PHE A 69 0.14 7.16 3.52
N ASP A 70 -0.04 7.17 4.83
CA ASP A 70 -0.42 8.42 5.51
C ASP A 70 0.62 9.51 5.34
N GLU A 71 1.90 9.16 5.48
CA GLU A 71 2.96 10.15 5.31
C GLU A 71 2.92 10.71 3.88
N SER A 72 2.72 9.81 2.90
CA SER A 72 2.66 10.18 1.49
C SER A 72 1.50 11.13 1.22
N ILE A 73 0.33 10.81 1.78
CA ILE A 73 -0.86 11.59 1.48
C ILE A 73 -0.80 12.95 2.17
N GLN A 74 -0.14 13.01 3.33
CA GLN A 74 0.06 14.30 4.00
C GLN A 74 0.90 15.24 3.14
N VAL A 75 1.94 14.73 2.49
CA VAL A 75 2.85 15.61 1.72
C VAL A 75 2.28 16.02 0.36
N LEU A 76 1.31 15.26 -0.14
CA LEU A 76 0.64 15.64 -1.37
C LEU A 76 0.17 17.07 -1.36
N GLY A 77 0.48 17.79 -2.43
CA GLY A 77 0.06 19.18 -2.58
C GLY A 77 1.02 20.17 -1.93
N GLN A 78 1.96 19.70 -1.11
CA GLN A 78 3.03 20.57 -0.60
C GLN A 78 4.03 20.95 -1.69
N ASP A 79 4.71 22.07 -1.48
CA ASP A 79 5.85 22.41 -2.33
C ASP A 79 6.84 21.26 -2.23
N GLY A 80 7.30 20.78 -3.38
CA GLY A 80 8.30 19.71 -3.44
C GLY A 80 7.74 18.37 -3.02
N ASP A 81 6.43 18.19 -3.18
CA ASP A 81 5.81 16.92 -2.85
C ASP A 81 6.36 15.83 -3.75
N LEU A 82 6.70 16.14 -5.00
CA LEU A 82 7.22 15.11 -5.90
C LEU A 82 8.53 14.53 -5.39
N GLU A 83 9.40 15.42 -4.91
CA GLU A 83 10.71 15.04 -4.39
C GLU A 83 10.52 14.28 -3.08
N LYS A 84 9.57 14.70 -2.24
CA LYS A 84 9.32 14.06 -0.96
C LYS A 84 8.77 12.63 -1.17
N LEU A 85 7.86 12.48 -2.12
CA LEU A 85 7.35 11.15 -2.49
C LEU A 85 8.47 10.28 -3.03
N ASP A 86 9.35 10.85 -3.85
CA ASP A 86 10.46 10.08 -4.37
C ASP A 86 11.31 9.53 -3.24
N GLU A 87 11.56 10.34 -2.22
CA GLU A 87 12.34 9.91 -1.09
C GLU A 87 11.64 8.77 -0.33
N ILE A 88 10.36 8.96 -0.01
CA ILE A 88 9.60 7.97 0.77
C ILE A 88 9.59 6.63 0.06
N TRP A 89 9.31 6.65 -1.24
CA TRP A 89 9.07 5.43 -1.95
C TRP A 89 10.35 4.78 -2.47
N THR A 90 11.41 5.56 -2.71
CA THR A 90 12.72 4.96 -2.94
C THR A 90 13.18 4.23 -1.66
N LYS A 91 12.90 4.79 -0.49
CA LYS A 91 13.28 4.14 0.77
C LYS A 91 12.53 2.82 0.91
N ILE A 92 11.26 2.78 0.51
CA ILE A 92 10.50 1.50 0.51
C ILE A 92 11.14 0.50 -0.47
N ALA A 93 11.46 0.94 -1.67
CA ALA A 93 12.04 0.04 -2.62
C ALA A 93 13.34 -0.55 -2.10
N VAL A 94 14.18 0.31 -1.53
CA VAL A 94 15.50 -0.16 -1.06
C VAL A 94 15.40 -1.12 0.10
N SER A 95 14.44 -0.90 1.02
N SER A 95 14.41 -0.85 0.97
CA SER A 95 14.35 -1.82 2.14
CA SER A 95 14.16 -1.70 2.12
C SER A 95 13.78 -3.18 1.72
C SER A 95 13.79 -3.12 1.71
N HIS A 96 13.04 -3.23 0.62
CA HIS A 96 12.50 -4.49 0.12
C HIS A 96 13.43 -5.24 -0.84
N ILE A 97 14.44 -4.59 -1.39
CA ILE A 97 15.37 -5.27 -2.28
C ILE A 97 15.97 -6.58 -1.70
N PRO A 98 16.41 -6.58 -0.44
CA PRO A 98 16.93 -7.84 0.10
C PRO A 98 15.92 -8.95 0.25
N ARG A 99 14.66 -8.57 0.24
CA ARG A 99 13.55 -9.50 0.30
C ARG A 99 13.12 -10.02 -1.07
N THR A 100 13.80 -9.56 -2.12
CA THR A 100 13.52 -9.97 -3.50
C THR A 100 12.03 -9.98 -3.83
N VAL A 101 11.42 -8.83 -3.59
CA VAL A 101 10.00 -8.63 -3.88
C VAL A 101 9.89 -8.26 -5.37
N SER A 102 9.31 -9.17 -6.16
CA SER A 102 9.23 -9.01 -7.61
C SER A 102 8.21 -7.96 -8.01
N LYS A 103 8.31 -7.49 -9.23
CA LYS A 103 7.26 -6.59 -9.70
C LYS A 103 5.90 -7.28 -9.71
N GLU A 104 5.87 -8.55 -10.09
CA GLU A 104 4.62 -9.29 -10.06
C GLU A 104 3.98 -9.25 -8.66
N SER A 105 4.79 -9.45 -7.61
N SER A 105 4.79 -9.48 -7.63
CA SER A 105 4.29 -9.43 -6.26
CA SER A 105 4.33 -9.41 -6.24
C SER A 105 3.85 -8.03 -5.83
C SER A 105 3.83 -8.02 -5.88
N TYR A 106 4.60 -6.99 -6.20
CA TYR A 106 4.13 -5.61 -5.96
C TYR A 106 2.77 -5.38 -6.65
N ASN A 107 2.60 -5.89 -7.86
CA ASN A 107 1.36 -5.63 -8.59
C ASN A 107 0.19 -6.38 -8.01
N GLN A 108 0.45 -7.54 -7.43
CA GLN A 108 -0.58 -8.28 -6.72
C GLN A 108 -1.09 -7.43 -5.55
N LEU A 109 -0.17 -6.87 -4.77
CA LEU A 109 -0.58 -6.06 -3.63
C LEU A 109 -1.29 -4.80 -4.13
N LYS A 110 -0.84 -4.23 -5.24
CA LYS A 110 -1.44 -3.01 -5.79
C LYS A 110 -2.95 -3.14 -5.97
N GLY A 111 -3.37 -4.22 -6.61
CA GLY A 111 -4.77 -4.45 -6.84
C GLY A 111 -5.55 -4.63 -5.56
N VAL A 112 -4.95 -5.29 -4.56
CA VAL A 112 -5.60 -5.48 -3.28
C VAL A 112 -5.78 -4.12 -2.60
N ILE A 113 -4.74 -3.29 -2.58
CA ILE A 113 -4.85 -2.00 -1.90
C ILE A 113 -5.95 -1.19 -2.55
N LEU A 114 -6.01 -1.15 -3.87
CA LEU A 114 -7.07 -0.36 -4.51
C LEU A 114 -8.44 -0.94 -4.19
N ASP A 115 -8.57 -2.26 -4.17
CA ASP A 115 -9.86 -2.88 -3.80
C ASP A 115 -10.28 -2.50 -2.38
N VAL A 116 -9.33 -2.56 -1.44
CA VAL A 116 -9.65 -2.29 -0.06
C VAL A 116 -10.04 -0.83 0.12
N LEU A 117 -9.35 0.09 -0.55
CA LEU A 117 -9.65 1.50 -0.40
C LEU A 117 -10.98 1.85 -1.08
N THR A 118 -11.23 1.25 -2.22
CA THR A 118 -12.49 1.47 -2.89
C THR A 118 -13.65 1.08 -1.97
N ALA A 119 -13.56 -0.07 -1.35
CA ALA A 119 -14.59 -0.52 -0.39
C ALA A 119 -14.71 0.44 0.82
N ALA A 120 -13.59 0.75 1.43
CA ALA A 120 -13.56 1.44 2.72
C ALA A 120 -14.14 2.82 2.60
N SER A 121 -13.80 3.49 1.51
CA SER A 121 -14.29 4.86 1.32
C SER A 121 -15.44 4.96 0.33
N SER A 122 -16.02 3.82 -0.04
N SER A 122 -15.97 3.81 -0.08
CA SER A 122 -17.13 3.77 -0.98
CA SER A 122 -17.11 3.79 -0.97
C SER A 122 -16.83 4.65 -2.21
C SER A 122 -16.86 4.61 -2.25
N LEU A 123 -15.69 4.39 -2.85
CA LEU A 123 -15.27 5.15 -3.98
C LEU A 123 -16.09 4.79 -5.19
N ASP A 124 -16.53 5.81 -5.92
CA ASP A 124 -17.16 5.56 -7.22
C ASP A 124 -16.07 5.41 -8.27
N GLU A 125 -16.44 5.15 -9.52
CA GLU A 125 -15.46 4.76 -10.50
C GLU A 125 -14.47 5.91 -10.76
N SER A 126 -14.96 7.15 -10.80
N SER A 126 -14.99 7.14 -10.82
CA SER A 126 -14.06 8.31 -11.05
CA SER A 126 -14.12 8.30 -11.02
C SER A 126 -13.09 8.59 -9.89
C SER A 126 -13.09 8.42 -9.90
N GLN A 127 -13.58 8.42 -8.68
CA GLN A 127 -12.73 8.53 -7.48
C GLN A 127 -11.71 7.40 -7.41
N ALA A 128 -12.12 6.18 -7.71
CA ALA A 128 -11.20 5.08 -7.76
C ALA A 128 -10.09 5.33 -8.80
N ALA A 129 -10.46 5.94 -9.93
CA ALA A 129 -9.45 6.24 -10.96
C ALA A 129 -8.41 7.26 -10.47
N THR A 130 -8.84 8.23 -9.69
CA THR A 130 -7.93 9.17 -9.08
C THR A 130 -6.97 8.47 -8.13
N TRP A 131 -7.46 7.56 -7.30
CA TRP A 131 -6.58 6.78 -6.45
C TRP A 131 -5.60 5.95 -7.26
N ALA A 132 -6.09 5.37 -8.34
CA ALA A 132 -5.19 4.57 -9.18
C ALA A 132 -4.04 5.44 -9.73
N LYS A 133 -4.29 6.72 -9.98
CA LYS A 133 -3.22 7.62 -10.47
C LYS A 133 -2.14 7.76 -9.41
N LEU A 134 -2.54 7.96 -8.17
CA LEU A 134 -1.59 8.14 -7.10
C LEU A 134 -0.75 6.87 -6.95
N VAL A 135 -1.42 5.73 -6.94
CA VAL A 135 -0.75 4.48 -6.68
C VAL A 135 0.17 4.15 -7.83
N ASP A 136 -0.29 4.41 -9.06
CA ASP A 136 0.58 4.20 -10.23
C ASP A 136 1.81 5.08 -10.13
N HIS A 137 1.65 6.31 -9.65
CA HIS A 137 2.77 7.22 -9.49
C HIS A 137 3.82 6.67 -8.55
N VAL A 138 3.39 6.23 -7.36
CA VAL A 138 4.35 5.79 -6.38
C VAL A 138 4.99 4.45 -6.81
N TYR A 139 4.23 3.63 -7.55
CA TYR A 139 4.76 2.37 -8.08
C TYR A 139 5.82 2.66 -9.10
N GLY A 140 5.67 3.72 -9.87
CA GLY A 140 6.71 4.10 -10.80
C GLY A 140 8.00 4.39 -10.09
N ILE A 141 7.93 4.99 -8.90
CA ILE A 141 9.10 5.30 -8.11
C ILE A 141 9.75 4.00 -7.62
N ILE A 142 8.95 3.07 -7.11
CA ILE A 142 9.51 1.79 -6.67
C ILE A 142 10.19 1.09 -7.85
N PHE A 143 9.50 1.04 -8.97
CA PHE A 143 9.93 0.20 -10.09
C PHE A 143 11.18 0.72 -10.77
N LYS A 144 11.48 2.01 -10.66
CA LYS A 144 12.72 2.48 -11.26
C LYS A 144 13.95 2.06 -10.44
N ALA A 145 13.77 1.56 -9.22
CA ALA A 145 14.88 1.09 -8.37
C ALA A 145 15.20 -0.40 -8.60
N ILE A 146 14.32 -1.14 -9.27
CA ILE A 146 14.41 -2.60 -9.30
C ILE A 146 14.22 -3.22 -10.67
N ASP A 147 14.80 -4.42 -10.84
CA ASP A 147 14.50 -5.24 -12.01
C ASP A 147 13.22 -6.07 -11.76
N ASP A 148 12.82 -6.85 -12.73
CA ASP A 148 11.57 -7.58 -12.64
C ASP A 148 11.52 -8.51 -11.44
N ASP A 149 12.67 -9.02 -10.99
CA ASP A 149 12.71 -9.96 -9.90
C ASP A 149 12.83 -9.28 -8.56
N GLY A 150 12.95 -7.97 -8.53
CA GLY A 150 13.08 -7.25 -7.27
C GLY A 150 14.51 -7.00 -6.82
N ASN A 151 15.49 -7.33 -7.64
CA ASN A 151 16.86 -6.98 -7.31
C ASN A 151 17.15 -5.54 -7.70
N ALA A 152 18.19 -4.93 -7.15
CA ALA A 152 18.56 -3.58 -7.55
C ALA A 152 18.77 -3.55 -9.05
N LYS A 153 18.27 -2.47 -9.64
CA LYS A 153 18.36 -2.31 -11.07
C LYS A 153 19.81 -2.09 -11.50
CL CL B . 0.17 -17.33 -4.69
CL CL C . -7.49 0.35 14.08
MG MG D . -14.10 14.71 6.81
C CYN E . 4.67 -4.96 3.41
N CYN E . 3.63 -5.26 3.80
CHA HEM F . 8.09 -4.60 5.65
CHB HEM F . 5.68 -1.09 3.35
CHC HEM F . 5.07 -4.06 -0.40
CHD HEM F . 7.10 -7.70 2.05
C1A HEM F . 7.56 -3.39 5.31
C2A HEM F . 7.60 -2.19 6.15
C3A HEM F . 6.91 -1.24 5.51
C4A HEM F . 6.39 -1.79 4.28
CMA HEM F . 6.65 0.22 5.99
CAA HEM F . 8.35 -2.07 7.49
CBA HEM F . 9.58 -1.18 7.37
CGA HEM F . 10.60 -1.60 6.37
O1A HEM F . 11.05 -2.75 6.38
O2A HEM F . 11.01 -0.73 5.57
C1B HEM F . 5.34 -1.64 2.13
C2B HEM F . 4.62 -0.97 1.16
C3B HEM F . 4.49 -1.73 0.05
C4B HEM F . 5.08 -2.98 0.40
CMB HEM F . 4.21 0.56 1.25
CAB HEM F . 3.83 -1.47 -1.30
CBB HEM F . 2.89 -0.58 -1.45
C1C HEM F . 5.52 -5.29 -0.04
C2C HEM F . 5.34 -6.48 -0.82
C3C HEM F . 5.88 -7.52 -0.14
C4C HEM F . 6.43 -6.99 1.10
CMC HEM F . 4.65 -6.49 -2.20
CAC HEM F . 5.91 -8.97 -0.67
CBC HEM F . 5.83 -10.00 0.10
C1D HEM F . 7.56 -7.15 3.22
C2D HEM F . 8.22 -7.84 4.18
C3D HEM F . 8.46 -6.98 5.36
C4D HEM F . 7.97 -5.73 4.92
CMD HEM F . 8.48 -9.36 4.26
CAD HEM F . 9.11 -7.36 6.69
CBD HEM F . 7.93 -7.60 7.63
CGD HEM F . 8.25 -7.90 9.07
O1D HEM F . 9.45 -8.13 9.40
O2D HEM F . 7.26 -8.03 9.87
NA HEM F . 6.83 -3.12 4.15
NB HEM F . 5.62 -2.89 1.71
NC HEM F . 6.16 -5.62 1.14
ND HEM F . 7.42 -5.85 3.61
FE HEM F . 6.50 -4.38 2.65
#